data_5M9O
#
_entry.id   5M9O
#
_cell.length_a   36.243
_cell.length_b   80.626
_cell.length_c   39.289
_cell.angle_alpha   90.00
_cell.angle_beta   90.38
_cell.angle_gamma   90.00
#
_symmetry.space_group_name_H-M   'P 1 21 1'
#
loop_
_entity.id
_entity.type
_entity.pdbx_description
1 polymer 'Staphylococcal nuclease domain-containing protein 1'
2 polymer 'E2F peptide'
3 water water
#
loop_
_entity_poly.entity_id
_entity_poly.type
_entity_poly.pdbx_seq_one_letter_code
_entity_poly.pdbx_strand_id
1 'polypeptide(L)'
;ERSASYKPVFVTEITDDLHFYVQDVETGTQLEKLMENMRNDIASHPPVEGSYAPRRGEFCIAKFVDGEWYRARVEKVESP
AKIHVFYIDYGNREVLPSTRLGTLSPAFSTRVLPAQATEYAFAFIQVPQDDDARTDAVDSVVRDIQNTQCLLNVEHLSAG
CPHVTLQFADSKGDVGLGLVKEGLVMVEVRKEKQFQKVITEYLNAQESAKSARLNLWRYGDFRA
;
A
2 'polypeptide(L)' ARG(2MR)G(2MR)HPG B
#
# COMPACT_ATOMS: atom_id res chain seq x y z
N SER A 5 -17.63 3.38 10.24
CA SER A 5 -18.11 2.71 9.01
C SER A 5 -16.94 2.05 8.26
N TYR A 6 -16.86 0.73 8.34
CA TYR A 6 -15.82 -0.02 7.64
C TYR A 6 -16.13 -0.04 6.13
N LYS A 7 -15.08 0.20 5.33
CA LYS A 7 -15.16 0.34 3.88
C LYS A 7 -14.33 -0.75 3.22
N PRO A 8 -14.85 -1.39 2.14
CA PRO A 8 -14.06 -2.47 1.53
C PRO A 8 -12.90 -1.95 0.68
N VAL A 9 -11.71 -2.56 0.87
CA VAL A 9 -10.50 -2.15 0.17
C VAL A 9 -9.70 -3.37 -0.29
N PHE A 10 -8.84 -3.17 -1.28
CA PHE A 10 -7.95 -4.20 -1.76
C PHE A 10 -6.54 -3.71 -1.47
N VAL A 11 -5.79 -4.48 -0.71
CA VAL A 11 -4.46 -4.09 -0.26
C VAL A 11 -3.45 -4.51 -1.31
N THR A 12 -2.67 -3.55 -1.81
CA THR A 12 -1.80 -3.78 -2.95
C THR A 12 -0.30 -3.65 -2.72
N GLU A 13 0.12 -2.97 -1.66
CA GLU A 13 1.54 -2.78 -1.38
C GLU A 13 1.69 -2.58 0.11
N ILE A 14 2.68 -3.23 0.70
CA ILE A 14 3.08 -3.00 2.09
C ILE A 14 4.48 -2.43 2.04
N THR A 15 4.74 -1.33 2.74
CA THR A 15 6.04 -0.69 2.70
C THR A 15 6.95 -1.22 3.80
N ASP A 16 8.23 -0.91 3.67
CA ASP A 16 9.22 -1.33 4.66
C ASP A 16 9.08 -0.60 5.99
N ASP A 17 8.38 0.53 6.00
CA ASP A 17 8.02 1.27 7.23
C ASP A 17 6.66 0.86 7.83
N LEU A 18 6.10 -0.27 7.39
CA LEU A 18 4.82 -0.78 7.84
C LEU A 18 3.65 0.17 7.56
N HIS A 19 3.72 0.89 6.45
CA HIS A 19 2.55 1.56 5.88
C HIS A 19 2.07 0.63 4.79
N PHE A 20 0.90 0.90 4.24
CA PHE A 20 0.37 0.09 3.15
C PHE A 20 -0.53 0.91 2.26
N TYR A 21 -0.63 0.49 1.01
CA TYR A 21 -1.50 1.12 0.04
C TYR A 21 -2.70 0.23 -0.26
N VAL A 22 -3.85 0.86 -0.46
CA VAL A 22 -5.08 0.14 -0.74
C VAL A 22 -5.82 0.82 -1.90
N GLN A 23 -6.60 0.01 -2.61
CA GLN A 23 -7.59 0.47 -3.59
C GLN A 23 -8.98 0.36 -2.99
N ASP A 24 -9.86 1.29 -3.34
CA ASP A 24 -11.26 1.17 -2.96
C ASP A 24 -11.94 0.14 -3.85
N VAL A 25 -12.54 -0.89 -3.25
CA VAL A 25 -13.21 -1.94 -4.01
C VAL A 25 -14.36 -1.37 -4.86
N GLU A 26 -15.00 -0.31 -4.36
CA GLU A 26 -16.16 0.30 -5.04
C GLU A 26 -15.79 0.83 -6.43
N THR A 27 -14.57 1.35 -6.57
CA THR A 27 -14.08 1.88 -7.85
C THR A 27 -13.18 0.91 -8.64
N GLY A 28 -13.13 -0.35 -8.24
CA GLY A 28 -12.24 -1.33 -8.86
C GLY A 28 -12.59 -1.71 -10.29
N THR A 29 -13.88 -1.89 -10.58
CA THR A 29 -14.29 -2.17 -11.97
C THR A 29 -13.97 -0.98 -12.90
N GLN A 30 -14.06 0.24 -12.38
CA GLN A 30 -13.66 1.45 -13.13
C GLN A 30 -12.15 1.48 -13.40
N LEU A 31 -11.35 1.11 -12.42
CA LEU A 31 -9.92 0.94 -12.66
C LEU A 31 -9.66 -0.10 -13.74
N GLU A 32 -10.29 -1.27 -13.64
CA GLU A 32 -10.13 -2.34 -14.63
C GLU A 32 -10.57 -1.85 -16.03
N LYS A 33 -11.66 -1.08 -16.09
CA LYS A 33 -12.15 -0.53 -17.36
C LYS A 33 -11.15 0.47 -17.94
N LEU A 34 -10.63 1.35 -17.09
CA LEU A 34 -9.64 2.33 -17.55
C LEU A 34 -8.39 1.63 -18.05
N MET A 35 -7.93 0.62 -17.33
CA MET A 35 -6.76 -0.16 -17.75
C MET A 35 -6.99 -0.93 -19.06
N GLU A 36 -8.18 -1.50 -19.19
CA GLU A 36 -8.62 -2.13 -20.43
C GLU A 36 -8.50 -1.17 -21.61
N ASN A 37 -9.15 -0.01 -21.46
CA ASN A 37 -9.20 1.02 -22.50
C ASN A 37 -7.83 1.64 -22.78
N MET A 38 -7.05 1.88 -21.73
CA MET A 38 -5.70 2.41 -21.90
C MET A 38 -4.82 1.45 -22.69
N ARG A 39 -4.86 0.17 -22.34
CA ARG A 39 -4.03 -0.84 -23.01
C ARG A 39 -4.48 -1.12 -24.45
N ASN A 40 -5.80 -1.03 -24.70
CA ASN A 40 -6.36 -1.06 -26.06
C ASN A 40 -5.69 0.02 -26.90
N ASP A 41 -5.65 1.24 -26.38
CA ASP A 41 -5.03 2.38 -27.06
C ASP A 41 -3.52 2.19 -27.27
N ILE A 42 -2.84 1.62 -26.27
CA ILE A 42 -1.41 1.28 -26.35
C ILE A 42 -1.10 0.22 -27.42
N ALA A 43 -1.91 -0.85 -27.46
CA ALA A 43 -1.75 -1.90 -28.49
C ALA A 43 -1.94 -1.36 -29.91
N SER A 44 -2.87 -0.42 -30.07
CA SER A 44 -3.11 0.23 -31.36
C SER A 44 -2.05 1.26 -31.77
N HIS A 45 -1.36 1.87 -30.79
CA HIS A 45 -0.36 2.92 -31.03
C HIS A 45 0.89 2.67 -30.16
N PRO A 46 1.62 1.56 -30.42
CA PRO A 46 2.68 1.07 -29.52
C PRO A 46 3.81 2.08 -29.23
N PRO A 47 4.10 2.36 -27.93
CA PRO A 47 5.22 3.23 -27.57
C PRO A 47 6.57 2.72 -28.08
N VAL A 48 7.30 3.59 -28.78
CA VAL A 48 8.65 3.28 -29.25
C VAL A 48 9.61 3.45 -28.07
N GLU A 49 10.44 2.43 -27.84
CA GLU A 49 11.43 2.44 -26.77
C GLU A 49 12.34 3.66 -26.91
N GLY A 50 12.31 4.54 -25.91
CA GLY A 50 13.14 5.74 -25.86
C GLY A 50 12.52 7.00 -26.41
N SER A 51 11.33 6.89 -27.02
CA SER A 51 10.61 8.07 -27.55
C SER A 51 9.99 8.99 -26.46
N TYR A 52 10.01 8.55 -25.21
CA TYR A 52 9.61 9.39 -24.07
C TYR A 52 10.80 9.65 -23.12
N ALA A 53 11.19 10.91 -23.02
CA ALA A 53 12.25 11.35 -22.11
C ALA A 53 11.59 12.04 -20.89
N PRO A 54 11.50 11.34 -19.74
CA PRO A 54 10.70 11.83 -18.60
C PRO A 54 11.27 13.02 -17.79
N ARG A 55 10.34 13.71 -17.10
CA ARG A 55 10.64 14.80 -16.12
C ARG A 55 9.94 14.58 -14.79
N ARG A 56 10.63 14.94 -13.72
CA ARG A 56 10.12 14.81 -12.35
C ARG A 56 8.74 15.45 -12.22
N GLY A 57 7.82 14.67 -11.67
CA GLY A 57 6.46 15.11 -11.44
C GLY A 57 5.45 14.76 -12.53
N GLU A 58 5.94 14.38 -13.72
CA GLU A 58 5.06 13.96 -14.80
C GLU A 58 4.37 12.65 -14.49
N PHE A 59 3.13 12.54 -14.93
CA PHE A 59 2.47 11.25 -15.02
C PHE A 59 2.84 10.61 -16.35
N CYS A 60 2.92 9.29 -16.36
CA CYS A 60 3.31 8.55 -17.55
C CYS A 60 2.71 7.15 -17.48
N ILE A 61 3.02 6.35 -18.48
CA ILE A 61 2.80 4.91 -18.40
C ILE A 61 4.13 4.20 -18.22
N ALA A 62 4.11 3.09 -17.50
CA ALA A 62 5.30 2.30 -17.26
C ALA A 62 4.99 0.82 -17.40
N LYS A 63 5.92 0.06 -17.97
CA LYS A 63 5.75 -1.39 -18.20
C LYS A 63 6.34 -2.10 -17.01
N PHE A 64 5.48 -2.76 -16.25
CA PHE A 64 5.85 -3.44 -15.02
C PHE A 64 6.42 -4.83 -15.36
N VAL A 65 6.96 -5.51 -14.35
CA VAL A 65 7.53 -6.85 -14.48
C VAL A 65 6.62 -7.89 -15.13
N ASP A 66 5.30 -7.77 -14.95
CA ASP A 66 4.32 -8.63 -15.68
C ASP A 66 4.12 -8.32 -17.17
N GLY A 67 4.88 -7.37 -17.72
CA GLY A 67 4.74 -6.96 -19.11
C GLY A 67 3.52 -6.14 -19.45
N GLU A 68 2.79 -5.66 -18.45
CA GLU A 68 1.61 -4.88 -18.66
C GLU A 68 1.92 -3.42 -18.34
N TRP A 69 1.21 -2.54 -19.02
CA TRP A 69 1.36 -1.09 -18.81
C TRP A 69 0.43 -0.59 -17.71
N TYR A 70 0.95 0.27 -16.83
CA TYR A 70 0.22 0.90 -15.73
C TYR A 70 0.52 2.39 -15.69
N ARG A 71 -0.37 3.14 -15.05
CA ARG A 71 -0.17 4.56 -14.79
C ARG A 71 0.93 4.76 -13.73
N ALA A 72 1.79 5.73 -13.95
CA ALA A 72 2.91 5.97 -13.03
C ALA A 72 3.19 7.45 -12.91
N ARG A 73 3.90 7.83 -11.85
CA ARG A 73 4.41 9.18 -11.71
C ARG A 73 5.91 9.11 -11.61
N VAL A 74 6.60 10.02 -12.30
CA VAL A 74 8.07 10.08 -12.26
C VAL A 74 8.47 10.81 -10.99
N GLU A 75 9.18 10.12 -10.10
CA GLU A 75 9.60 10.74 -8.84
C GLU A 75 11.00 11.28 -8.87
N LYS A 76 11.88 10.68 -9.67
CA LYS A 76 13.28 11.10 -9.72
C LYS A 76 13.86 10.63 -11.03
N VAL A 77 14.55 11.52 -11.71
CA VAL A 77 15.27 11.20 -12.92
C VAL A 77 16.76 11.18 -12.59
N GLU A 78 17.27 9.96 -12.40
CA GLU A 78 18.68 9.78 -12.00
C GLU A 78 19.55 9.80 -13.23
N SER A 79 19.08 9.13 -14.28
CA SER A 79 19.74 9.12 -15.58
C SER A 79 18.70 8.58 -16.55
N PRO A 80 18.98 8.62 -17.86
CA PRO A 80 18.03 8.04 -18.82
C PRO A 80 17.69 6.57 -18.55
N ALA A 81 18.65 5.82 -18.01
CA ALA A 81 18.48 4.40 -17.65
C ALA A 81 17.92 4.15 -16.26
N LYS A 82 17.83 5.18 -15.43
CA LYS A 82 17.36 5.05 -14.07
C LYS A 82 16.33 6.10 -13.71
N ILE A 83 15.08 5.79 -14.02
CA ILE A 83 13.96 6.65 -13.73
C ILE A 83 13.20 5.98 -12.58
N HIS A 84 12.99 6.73 -11.51
CA HIS A 84 12.27 6.22 -10.34
C HIS A 84 10.82 6.54 -10.50
N VAL A 85 9.99 5.52 -10.58
CA VAL A 85 8.56 5.69 -10.80
C VAL A 85 7.76 5.16 -9.63
N PHE A 86 6.57 5.71 -9.47
CA PHE A 86 5.58 5.28 -8.50
C PHE A 86 4.31 4.91 -9.23
N TYR A 87 3.85 3.69 -9.03
CA TYR A 87 2.66 3.20 -9.71
C TYR A 87 1.45 3.75 -8.95
N ILE A 88 0.81 4.77 -9.53
CA ILE A 88 -0.20 5.54 -8.79
C ILE A 88 -1.47 4.79 -8.41
N ASP A 89 -1.76 3.69 -9.10
CA ASP A 89 -2.95 2.91 -8.80
C ASP A 89 -2.67 1.73 -7.86
N TYR A 90 -1.40 1.51 -7.53
CA TYR A 90 -0.99 0.33 -6.72
C TYR A 90 -0.12 0.68 -5.52
N GLY A 91 0.78 1.64 -5.67
CA GLY A 91 1.57 2.11 -4.53
C GLY A 91 2.99 1.61 -4.48
N ASN A 92 3.35 0.66 -5.34
CA ASN A 92 4.74 0.19 -5.43
C ASN A 92 5.61 1.12 -6.27
N ARG A 93 6.92 0.97 -6.07
CA ARG A 93 7.92 1.83 -6.70
C ARG A 93 8.95 0.96 -7.34
N GLU A 94 9.57 1.52 -8.36
CA GLU A 94 10.46 0.80 -9.23
C GLU A 94 11.43 1.74 -9.92
N VAL A 95 12.66 1.29 -10.18
CA VAL A 95 13.61 2.04 -11.02
C VAL A 95 13.66 1.36 -12.37
N LEU A 96 13.39 2.11 -13.41
CA LEU A 96 13.33 1.62 -14.79
C LEU A 96 14.07 2.51 -15.77
N PRO A 97 14.59 1.90 -16.84
CA PRO A 97 15.05 2.75 -17.94
C PRO A 97 13.91 3.43 -18.71
N SER A 98 14.20 4.55 -19.38
CA SER A 98 13.17 5.26 -20.15
C SER A 98 12.51 4.40 -21.26
N THR A 99 13.21 3.35 -21.70
CA THR A 99 12.65 2.45 -22.70
C THR A 99 11.44 1.65 -22.24
N ARG A 100 11.20 1.63 -20.93
CA ARG A 100 9.95 1.04 -20.42
C ARG A 100 8.92 2.03 -19.98
N LEU A 101 8.98 3.25 -20.51
CA LEU A 101 8.03 4.30 -20.19
C LEU A 101 7.43 4.85 -21.45
N GLY A 102 6.27 5.44 -21.31
CA GLY A 102 5.59 6.15 -22.41
C GLY A 102 4.74 7.28 -21.89
N THR A 103 4.19 8.09 -22.78
CA THR A 103 3.35 9.19 -22.37
C THR A 103 1.99 8.65 -21.93
N LEU A 104 1.38 9.33 -20.96
CA LEU A 104 0.02 9.03 -20.54
C LEU A 104 -0.92 10.00 -21.26
N SER A 105 -1.85 9.47 -22.05
CA SER A 105 -2.80 10.31 -22.78
CA SER A 105 -2.82 10.29 -22.78
C SER A 105 -3.81 10.98 -21.82
N PRO A 106 -4.30 12.19 -22.19
CA PRO A 106 -5.31 12.85 -21.33
C PRO A 106 -6.60 12.04 -21.09
N ALA A 107 -6.92 11.14 -22.03
CA ALA A 107 -8.06 10.21 -21.88
C ALA A 107 -7.97 9.37 -20.63
N PHE A 108 -6.76 9.19 -20.08
CA PHE A 108 -6.54 8.28 -18.94
C PHE A 108 -5.89 8.98 -17.76
N SER A 109 -6.04 10.30 -17.70
CA SER A 109 -5.38 11.09 -16.67
C SER A 109 -6.02 10.87 -15.32
N THR A 110 -5.38 11.42 -14.29
CA THR A 110 -5.93 11.44 -12.95
C THR A 110 -7.17 12.32 -12.84
N ARG A 111 -7.44 13.16 -13.84
CA ARG A 111 -8.68 13.91 -13.87
C ARG A 111 -9.85 13.06 -14.40
N VAL A 112 -9.55 12.09 -15.26
CA VAL A 112 -10.55 11.10 -15.73
C VAL A 112 -10.88 10.06 -14.65
N LEU A 113 -9.83 9.56 -13.97
CA LEU A 113 -9.99 8.62 -12.84
C LEU A 113 -8.86 8.91 -11.84
N PRO A 114 -9.17 9.30 -10.60
CA PRO A 114 -8.07 9.62 -9.67
C PRO A 114 -7.14 8.43 -9.43
N ALA A 115 -5.93 8.72 -9.00
CA ALA A 115 -5.00 7.69 -8.53
C ALA A 115 -5.72 6.79 -7.55
N GLN A 116 -5.63 5.48 -7.76
CA GLN A 116 -6.44 4.52 -7.03
C GLN A 116 -5.80 4.01 -5.74
N ALA A 117 -4.51 4.24 -5.52
CA ALA A 117 -3.86 3.77 -4.28
C ALA A 117 -3.81 4.89 -3.24
N THR A 118 -4.18 4.57 -2.02
CA THR A 118 -4.11 5.51 -0.90
C THR A 118 -3.28 4.87 0.20
N GLU A 119 -2.36 5.66 0.74
CA GLU A 119 -1.45 5.24 1.81
C GLU A 119 -2.12 5.34 3.16
N TYR A 120 -1.95 4.29 3.95
CA TYR A 120 -2.44 4.24 5.32
C TYR A 120 -1.40 3.59 6.22
N ALA A 121 -1.58 3.75 7.52
CA ALA A 121 -0.80 3.09 8.58
C ALA A 121 -1.74 2.46 9.58
N PHE A 122 -1.27 1.47 10.35
CA PHE A 122 -2.09 0.90 11.40
C PHE A 122 -2.21 1.84 12.63
N ALA A 123 -3.44 2.05 13.05
CA ALA A 123 -3.74 2.69 14.33
C ALA A 123 -3.33 1.76 15.47
N PHE A 124 -2.90 2.38 16.56
CA PHE A 124 -2.75 1.74 17.88
C PHE A 124 -1.56 0.79 17.96
N ILE A 125 -0.67 0.91 16.98
CA ILE A 125 0.54 0.08 16.91
C ILE A 125 1.76 0.97 16.72
N GLN A 126 2.86 0.65 17.39
CA GLN A 126 4.16 1.26 17.15
C GLN A 126 4.90 0.46 16.08
N VAL A 127 5.46 1.15 15.09
CA VAL A 127 6.30 0.49 14.11
C VAL A 127 7.61 0.17 14.82
N PRO A 128 8.10 -1.07 14.73
CA PRO A 128 9.33 -1.39 15.47
C PRO A 128 10.52 -0.60 14.97
N GLN A 129 11.33 -0.09 15.89
CA GLN A 129 12.54 0.65 15.56
C GLN A 129 13.66 -0.27 15.04
N ASP A 130 13.76 -1.48 15.59
CA ASP A 130 14.78 -2.45 15.15
C ASP A 130 14.48 -2.91 13.73
N ASP A 131 15.48 -2.83 12.85
CA ASP A 131 15.25 -3.15 11.43
C ASP A 131 14.77 -4.59 11.24
N ASP A 132 15.41 -5.54 11.95
CA ASP A 132 15.04 -6.94 11.81
C ASP A 132 13.62 -7.22 12.34
N ALA A 133 13.28 -6.61 13.48
CA ALA A 133 11.92 -6.69 14.03
C ALA A 133 10.89 -6.06 13.08
N ARG A 134 11.24 -4.90 12.54
CA ARG A 134 10.37 -4.25 11.56
C ARG A 134 10.17 -5.13 10.34
N THR A 135 11.26 -5.70 9.83
CA THR A 135 11.16 -6.69 8.74
C THR A 135 10.22 -7.86 9.03
N ASP A 136 10.31 -8.44 10.23
CA ASP A 136 9.41 -9.51 10.64
C ASP A 136 7.93 -9.10 10.59
N ALA A 137 7.66 -7.88 11.09
CA ALA A 137 6.29 -7.36 11.09
C ALA A 137 5.79 -7.11 9.65
N VAL A 138 6.64 -6.47 8.85
CA VAL A 138 6.34 -6.22 7.42
C VAL A 138 6.07 -7.55 6.67
N ASP A 139 6.98 -8.51 6.84
CA ASP A 139 6.83 -9.80 6.16
C ASP A 139 5.56 -10.52 6.53
N SER A 140 5.20 -10.47 7.81
CA SER A 140 3.95 -11.01 8.30
C SER A 140 2.72 -10.35 7.67
N VAL A 141 2.72 -9.02 7.61
CA VAL A 141 1.59 -8.31 7.00
C VAL A 141 1.50 -8.62 5.52
N VAL A 142 2.64 -8.69 4.84
CA VAL A 142 2.65 -9.00 3.40
C VAL A 142 1.98 -10.37 3.21
N ARG A 143 2.41 -11.36 3.98
CA ARG A 143 1.79 -12.68 3.90
C ARG A 143 0.32 -12.67 4.32
N ASP A 144 -0.03 -11.89 5.36
CA ASP A 144 -1.40 -11.78 5.86
C ASP A 144 -2.36 -11.11 4.85
N ILE A 145 -1.98 -9.94 4.29
CA ILE A 145 -2.97 -9.09 3.58
C ILE A 145 -2.62 -8.64 2.17
N GLN A 146 -1.40 -8.85 1.68
CA GLN A 146 -1.10 -8.36 0.34
C GLN A 146 -2.00 -9.09 -0.64
N ASN A 147 -2.60 -8.32 -1.56
CA ASN A 147 -3.50 -8.84 -2.59
C ASN A 147 -4.73 -9.52 -2.01
N THR A 148 -5.26 -8.97 -0.92
CA THR A 148 -6.49 -9.46 -0.32
C THR A 148 -7.46 -8.33 -0.09
N GLN A 149 -8.75 -8.68 -0.08
CA GLN A 149 -9.78 -7.73 0.27
C GLN A 149 -9.88 -7.63 1.79
N CYS A 150 -9.83 -6.40 2.29
CA CYS A 150 -9.96 -6.12 3.71
C CYS A 150 -11.08 -5.10 3.92
N LEU A 151 -11.50 -4.90 5.16
CA LEU A 151 -12.37 -3.79 5.53
C LEU A 151 -11.56 -2.76 6.31
N LEU A 152 -11.70 -1.49 5.96
CA LEU A 152 -10.89 -0.43 6.56
C LEU A 152 -11.74 0.59 7.28
N ASN A 153 -11.30 1.02 8.46
CA ASN A 153 -11.89 2.16 9.19
C ASN A 153 -10.83 3.17 9.57
N VAL A 154 -11.01 4.43 9.18
CA VAL A 154 -10.09 5.47 9.59
C VAL A 154 -10.33 5.80 11.06
N GLU A 155 -9.26 5.70 11.85
CA GLU A 155 -9.32 5.99 13.28
C GLU A 155 -8.89 7.42 13.61
N HIS A 156 -7.76 7.85 13.08
CA HIS A 156 -7.24 9.19 13.35
C HIS A 156 -6.22 9.61 12.31
N LEU A 157 -5.91 10.89 12.29
CA LEU A 157 -4.91 11.44 11.40
C LEU A 157 -3.58 11.45 12.11
N SER A 158 -2.56 11.79 11.36
CA SER A 158 -1.22 11.90 11.94
C SER A 158 -0.43 12.96 11.21
N ALA A 159 0.81 13.14 11.64
CA ALA A 159 1.75 14.01 10.94
C ALA A 159 1.97 13.55 9.48
N GLY A 160 1.75 12.26 9.21
CA GLY A 160 1.72 11.71 7.86
C GLY A 160 0.34 11.23 7.45
N CYS A 161 0.25 10.00 6.96
CA CYS A 161 -1.01 9.45 6.42
C CYS A 161 -2.01 9.07 7.53
N PRO A 162 -3.28 8.81 7.14
CA PRO A 162 -4.23 8.44 8.21
C PRO A 162 -3.91 7.07 8.80
N HIS A 163 -4.26 6.90 10.05
CA HIS A 163 -4.08 5.65 10.77
C HIS A 163 -5.42 4.97 10.90
N VAL A 164 -5.45 3.67 10.63
CA VAL A 164 -6.66 2.92 10.41
C VAL A 164 -6.65 1.58 11.11
N THR A 165 -7.81 0.97 11.28
CA THR A 165 -7.88 -0.46 11.53
C THR A 165 -8.33 -1.21 10.29
N LEU A 166 -7.80 -2.43 10.12
CA LEU A 166 -8.16 -3.30 9.01
C LEU A 166 -8.74 -4.57 9.56
N GLN A 167 -9.79 -5.06 8.90
CA GLN A 167 -10.36 -6.37 9.20
C GLN A 167 -10.24 -7.27 7.96
N PHE A 168 -9.92 -8.54 8.15
CA PHE A 168 -9.94 -9.49 7.04
C PHE A 168 -11.40 -9.56 6.57
N ALA A 169 -11.62 -9.52 5.27
CA ALA A 169 -12.98 -9.38 4.72
C ALA A 169 -13.92 -10.54 5.06
N ASP A 170 -13.41 -11.77 5.00
CA ASP A 170 -14.22 -12.95 5.32
C ASP A 170 -14.39 -13.16 6.83
N SER A 171 -13.27 -13.21 7.57
CA SER A 171 -13.29 -13.56 8.99
C SER A 171 -13.59 -12.40 9.96
N LYS A 172 -13.48 -11.16 9.47
CA LYS A 172 -13.65 -9.94 10.28
C LYS A 172 -12.61 -9.75 11.42
N GLY A 173 -11.54 -10.55 11.41
CA GLY A 173 -10.48 -10.44 12.42
C GLY A 173 -9.65 -9.20 12.16
N ASP A 174 -9.23 -8.55 13.25
CA ASP A 174 -8.50 -7.27 13.22
C ASP A 174 -7.04 -7.56 12.93
N VAL A 175 -6.52 -7.01 11.84
CA VAL A 175 -5.21 -7.34 11.32
C VAL A 175 -4.13 -6.85 12.28
N GLY A 176 -4.22 -5.57 12.64
CA GLY A 176 -3.26 -4.98 13.57
C GLY A 176 -3.21 -5.69 14.92
N LEU A 177 -4.37 -6.05 15.44
CA LEU A 177 -4.47 -6.81 16.68
C LEU A 177 -3.73 -8.14 16.56
N GLY A 178 -3.84 -8.78 15.41
CA GLY A 178 -3.12 -10.04 15.13
C GLY A 178 -1.60 -9.86 15.21
N LEU A 179 -1.08 -8.72 14.76
CA LEU A 179 0.33 -8.40 14.92
C LEU A 179 0.72 -8.26 16.39
N VAL A 180 -0.13 -7.61 17.17
CA VAL A 180 0.12 -7.42 18.56
C VAL A 180 0.13 -8.80 19.26
N LYS A 181 -0.86 -9.63 18.96
CA LYS A 181 -1.00 -10.96 19.60
C LYS A 181 0.21 -11.86 19.29
N GLU A 182 0.78 -11.69 18.10
CA GLU A 182 1.95 -12.45 17.68
C GLU A 182 3.25 -11.83 18.24
N GLY A 183 3.19 -10.72 18.97
CA GLY A 183 4.38 -10.09 19.51
C GLY A 183 5.23 -9.40 18.46
N LEU A 184 4.67 -9.10 17.30
CA LEU A 184 5.45 -8.48 16.21
C LEU A 184 5.55 -6.97 16.35
N VAL A 185 4.58 -6.36 17.05
CA VAL A 185 4.59 -4.92 17.29
C VAL A 185 4.10 -4.63 18.71
N MET A 186 4.50 -3.46 19.21
CA MET A 186 4.00 -2.94 20.50
C MET A 186 2.75 -2.08 20.30
N VAL A 187 1.98 -1.92 21.37
CA VAL A 187 0.79 -1.08 21.32
C VAL A 187 1.18 0.38 21.44
N GLU A 188 0.58 1.24 20.60
CA GLU A 188 0.64 2.69 20.76
C GLU A 188 -0.67 3.11 21.46
N VAL A 189 -0.53 3.54 22.70
CA VAL A 189 -1.71 3.81 23.52
C VAL A 189 -2.37 5.13 23.13
N ARG A 190 -3.70 5.08 23.00
CA ARG A 190 -4.53 6.25 22.81
C ARG A 190 -5.46 6.34 24.00
N LYS A 191 -5.66 7.56 24.49
CA LYS A 191 -6.53 7.82 25.65
C LYS A 191 -8.03 8.02 25.36
N GLU A 192 -8.40 8.25 24.10
CA GLU A 192 -9.70 8.79 23.80
C GLU A 192 -10.79 7.73 24.01
N LYS A 193 -11.92 8.17 24.58
CA LYS A 193 -13.01 7.27 25.00
C LYS A 193 -13.43 6.31 23.90
N GLN A 194 -13.58 6.87 22.70
CA GLN A 194 -13.98 6.12 21.51
C GLN A 194 -13.01 4.95 21.18
N PHE A 195 -11.78 5.05 21.65
CA PHE A 195 -10.74 4.03 21.41
C PHE A 195 -10.59 3.03 22.60
N GLN A 196 -11.36 3.17 23.69
CA GLN A 196 -11.07 2.44 24.95
C GLN A 196 -11.32 0.94 24.85
N LYS A 197 -12.45 0.54 24.28
CA LYS A 197 -12.72 -0.89 23.99
C LYS A 197 -11.61 -1.52 23.13
N VAL A 198 -11.07 -0.78 22.17
CA VAL A 198 -10.04 -1.33 21.29
C VAL A 198 -8.65 -1.34 21.95
N ILE A 199 -8.26 -0.28 22.66
CA ILE A 199 -6.91 -0.14 23.24
C ILE A 199 -6.67 -1.05 24.43
N THR A 200 -7.36 -0.80 25.55
CA THR A 200 -7.17 -1.63 26.72
C THR A 200 -7.10 -3.08 26.28
N GLU A 201 -7.97 -3.44 25.34
CA GLU A 201 -7.86 -4.70 24.62
C GLU A 201 -6.51 -5.01 23.94
N TYR A 202 -6.08 -4.17 22.99
CA TYR A 202 -4.74 -4.36 22.36
C TYR A 202 -3.69 -4.59 23.46
N LEU A 203 -3.79 -3.88 24.58
CA LEU A 203 -2.87 -4.05 25.70
C LEU A 203 -2.95 -5.43 26.36
N ASN A 204 -4.14 -6.01 26.39
CA ASN A 204 -4.34 -7.39 26.89
C ASN A 204 -3.80 -8.45 25.88
N ALA A 205 -3.81 -8.12 24.58
CA ALA A 205 -3.20 -8.97 23.53
C ALA A 205 -1.68 -8.97 23.61
N GLN A 206 -1.11 -7.80 23.90
CA GLN A 206 0.31 -7.59 24.12
C GLN A 206 0.77 -8.42 25.31
N GLU A 207 -0.11 -8.58 26.31
CA GLU A 207 0.16 -9.49 27.44
C GLU A 207 0.19 -10.96 27.06
N SER A 208 -0.71 -11.39 26.19
CA SER A 208 -0.67 -12.76 25.65
C SER A 208 0.70 -13.01 24.97
N ALA A 209 1.17 -12.02 24.22
CA ALA A 209 2.42 -12.13 23.48
C ALA A 209 3.64 -12.07 24.39
N LYS A 210 3.63 -11.19 25.39
CA LYS A 210 4.72 -11.14 26.37
C LYS A 210 4.83 -12.47 27.11
N SER A 211 3.70 -13.10 27.41
CA SER A 211 3.70 -14.38 28.14
C SER A 211 4.19 -15.56 27.33
N ALA A 212 3.80 -15.62 26.07
CA ALA A 212 4.29 -16.65 25.18
C ALA A 212 5.72 -16.35 24.68
N ARG A 213 6.30 -15.20 25.07
CA ARG A 213 7.66 -14.82 24.69
C ARG A 213 7.82 -14.86 23.18
N LEU A 214 6.86 -14.24 22.49
CA LEU A 214 6.85 -14.24 21.04
C LEU A 214 7.57 -13.02 20.52
N ASN A 215 8.39 -13.24 19.50
CA ASN A 215 8.98 -12.22 18.65
C ASN A 215 9.66 -11.12 19.44
N LEU A 216 9.08 -9.93 19.55
CA LEU A 216 9.70 -8.85 20.32
C LEU A 216 9.99 -9.23 21.78
N TRP A 217 9.18 -10.13 22.31
CA TRP A 217 9.23 -10.48 23.73
C TRP A 217 10.02 -11.75 24.02
N ARG A 218 10.75 -12.27 23.02
CA ARG A 218 11.49 -13.55 23.16
C ARG A 218 12.41 -13.62 24.37
N TYR A 219 13.02 -12.48 24.72
CA TYR A 219 14.03 -12.46 25.78
C TYR A 219 13.61 -11.65 27.02
N GLY A 220 12.33 -11.28 27.11
CA GLY A 220 11.81 -10.55 28.26
C GLY A 220 11.53 -9.10 27.93
N GLY B 5 -2.44 -11.70 -7.72
CA GLY B 5 -1.28 -10.85 -8.10
C GLY B 5 -1.45 -9.72 -9.08
N HIS B 7 2.45 -10.60 -10.99
CA HIS B 7 3.80 -11.19 -11.03
C HIS B 7 4.35 -11.06 -12.46
#